data_3FHD
#
_entry.id   3FHD
#
_cell.length_a   43.247
_cell.length_b   48.905
_cell.length_c   67.294
_cell.angle_alpha   95.48
_cell.angle_beta   106.86
_cell.angle_gamma   104.27
#
_symmetry.space_group_name_H-M   'P 1'
#
loop_
_entity.id
_entity.type
_entity.pdbx_description
1 polymer 'ORF 37'
2 non-polymer 'SULFATE ION'
3 non-polymer 'MAGNESIUM ION'
4 water water
#
_entity_poly.entity_id   1
_entity_poly.type   'polypeptide(L)'
_entity_poly.pdbx_seq_one_letter_code
;MGPHHHHHHLESTSLYKKAGSAMEATPTPADLFSEDYLVDTLDGLTVDDQQAVLASLSFSKFLKHAKVRDWCAQAKIQPS
MPALRMAYNYFLFSKVGEFIGSEDVCNFFVDRVFGGVRLLDVASVYAACSQMNAHQRHHICCLVERATSSQSLNPVWDAL
RDGIISSSKFHWAVKQQNTSKKIFSPWPITNNHFVAGPLAFGLRCEEVVKTLLATLLHPDETNCLDYGFMQSPQNGIFGV
SLDFAANVKTDTEGRLQFDPNCKVYEIKCRFKYTFAKMECDPIYAAYQRLYEAPGKLALKDFFYSISKPAVEYVGLGKLP
SESDYLVAYDQEWEACPRKKRKLTPLHNLIRECILHNSTTESDVYVLTDPQDTRGQISIKARFKANLFVNVRHSYFYQVL
LQSSIVEEYIGLDSGIPRLGSPKYYIATGFFRKRGYQDPVNCTIGGDALDPHVEIPTLLIVTPVYFPRGAKHRLLHQAAN
FWSRSAKDTFPYIKWDFSYLSANVPHSP
;
_entity_poly.pdbx_strand_id   A
#
loop_
_chem_comp.id
_chem_comp.type
_chem_comp.name
_chem_comp.formula
MG non-polymer 'MAGNESIUM ION' 'Mg 2'
SO4 non-polymer 'SULFATE ION' 'O4 S -2'
#
# COMPACT_ATOMS: atom_id res chain seq x y z
N PRO A 29 -23.39 15.85 9.54
CA PRO A 29 -22.30 16.09 8.58
C PRO A 29 -21.35 17.20 9.05
N ALA A 30 -20.20 17.30 8.39
CA ALA A 30 -19.27 18.38 8.64
C ALA A 30 -19.17 19.21 7.38
N ASP A 31 -18.77 20.46 7.55
CA ASP A 31 -18.68 21.34 6.42
C ASP A 31 -17.23 21.73 6.21
N LEU A 32 -16.62 21.22 5.13
CA LEU A 32 -15.28 21.66 4.76
C LEU A 32 -15.25 23.16 4.48
N PHE A 33 -16.41 23.73 4.19
CA PHE A 33 -16.51 25.16 3.89
C PHE A 33 -16.94 25.99 5.09
N SER A 34 -17.34 25.32 6.16
CA SER A 34 -17.71 26.02 7.39
C SER A 34 -16.46 26.55 8.06
N GLU A 35 -16.55 27.71 8.71
CA GLU A 35 -15.41 28.25 9.45
C GLU A 35 -15.34 27.74 10.90
N ASP A 36 -16.37 27.00 11.34
CA ASP A 36 -16.38 26.35 12.66
C ASP A 36 -15.17 25.47 12.87
N TYR A 37 -14.70 25.38 14.10
CA TYR A 37 -13.56 24.50 14.38
C TYR A 37 -14.03 23.05 14.53
N LEU A 38 -13.30 22.13 13.90
CA LEU A 38 -13.66 20.70 13.93
C LEU A 38 -13.78 20.16 15.37
N VAL A 39 -12.85 20.55 16.22
CA VAL A 39 -12.94 20.12 17.62
C VAL A 39 -14.30 20.53 18.24
N ASP A 40 -14.86 21.66 17.81
CA ASP A 40 -16.17 22.05 18.34
C ASP A 40 -17.34 21.25 17.75
N THR A 41 -17.23 20.94 16.47
CA THR A 41 -18.17 20.08 15.74
C THR A 41 -18.24 18.69 16.39
N LEU A 42 -17.07 18.11 16.68
CA LEU A 42 -16.99 16.78 17.28
C LEU A 42 -17.36 16.72 18.75
N ASP A 43 -17.34 17.88 19.43
CA ASP A 43 -17.61 18.00 20.86
C ASP A 43 -19.10 17.78 21.11
N GLY A 44 -19.44 16.77 21.92
CA GLY A 44 -20.84 16.51 22.25
C GLY A 44 -21.48 15.38 21.45
N LEU A 45 -20.70 14.73 20.58
CA LEU A 45 -21.14 13.54 19.85
C LEU A 45 -20.44 12.28 20.40
N THR A 46 -21.12 11.14 20.34
CA THR A 46 -20.46 9.84 20.59
C THR A 46 -19.31 9.55 19.62
N VAL A 47 -18.36 8.67 20.00
CA VAL A 47 -17.26 8.31 19.06
C VAL A 47 -17.81 7.73 17.76
N ASP A 48 -18.93 7.02 17.85
CA ASP A 48 -19.65 6.49 16.68
C ASP A 48 -20.04 7.60 15.70
N ASP A 49 -20.62 8.67 16.23
CA ASP A 49 -21.04 9.84 15.44
C ASP A 49 -19.87 10.68 14.92
N GLN A 50 -18.78 10.72 15.70
CA GLN A 50 -17.58 11.45 15.33
C GLN A 50 -16.93 10.80 14.09
N GLN A 51 -16.98 9.46 14.04
CA GLN A 51 -16.48 8.68 12.91
C GLN A 51 -17.24 9.05 11.65
N ALA A 52 -18.57 9.15 11.77
CA ALA A 52 -19.44 9.65 10.69
C ALA A 52 -19.11 11.09 10.19
N VAL A 53 -18.87 12.01 11.13
CA VAL A 53 -18.46 13.36 10.78
C VAL A 53 -17.16 13.31 9.98
N LEU A 54 -16.20 12.54 10.46
CA LEU A 54 -14.91 12.46 9.77
C LEU A 54 -15.03 11.80 8.39
N ALA A 55 -15.87 10.77 8.26
CA ALA A 55 -16.08 10.15 6.94
C ALA A 55 -16.66 11.17 5.95
N SER A 56 -17.38 12.16 6.46
CA SER A 56 -17.92 13.23 5.60
C SER A 56 -16.92 14.26 5.05
N LEU A 57 -15.65 14.11 5.38
CA LEU A 57 -14.61 15.05 4.91
C LEU A 57 -13.89 14.51 3.66
N SER A 58 -14.55 13.60 2.95
CA SER A 58 -14.01 12.92 1.77
C SER A 58 -13.97 13.83 0.51
N PHE A 59 -13.17 13.47 -0.48
CA PHE A 59 -13.15 14.15 -1.78
C PHE A 59 -14.57 14.11 -2.42
N SER A 60 -15.26 12.97 -2.31
CA SER A 60 -16.60 12.83 -2.90
C SER A 60 -17.59 13.84 -2.32
N LYS A 61 -17.62 13.96 -0.99
CA LYS A 61 -18.52 14.91 -0.35
C LYS A 61 -18.10 16.36 -0.63
N PHE A 62 -16.79 16.61 -0.70
CA PHE A 62 -16.28 17.90 -1.20
C PHE A 62 -16.90 18.26 -2.60
N LEU A 63 -16.81 17.36 -3.57
CA LEU A 63 -17.25 17.65 -4.93
C LEU A 63 -18.78 17.76 -5.07
N LYS A 64 -19.48 17.22 -4.07
CA LYS A 64 -20.94 17.19 -4.05
C LYS A 64 -21.50 18.39 -3.31
N HIS A 65 -20.63 19.13 -2.61
CA HIS A 65 -21.06 20.29 -1.78
C HIS A 65 -21.71 21.36 -2.67
N ALA A 66 -22.69 22.09 -2.14
CA ALA A 66 -23.35 23.16 -2.88
C ALA A 66 -22.39 24.20 -3.49
N LYS A 67 -21.33 24.55 -2.75
CA LYS A 67 -20.38 25.56 -3.19
C LYS A 67 -19.49 25.12 -4.37
N VAL A 68 -19.12 23.84 -4.43
CA VAL A 68 -18.39 23.27 -5.60
C VAL A 68 -19.34 23.16 -6.82
N ARG A 69 -20.58 22.72 -6.55
CA ARG A 69 -21.63 22.58 -7.58
C ARG A 69 -21.91 23.92 -8.25
N ASP A 70 -22.08 24.95 -7.42
CA ASP A 70 -22.32 26.33 -7.86
C ASP A 70 -21.18 26.90 -8.72
N TRP A 71 -19.95 26.71 -8.26
CA TRP A 71 -18.73 27.09 -8.98
C TRP A 71 -18.65 26.35 -10.31
N CYS A 72 -18.93 25.05 -10.27
CA CYS A 72 -18.85 24.18 -11.45
C CYS A 72 -19.92 24.48 -12.49
N ALA A 73 -21.02 25.11 -12.04
CA ALA A 73 -22.10 25.49 -12.94
C ALA A 73 -21.67 26.55 -13.96
N GLN A 74 -20.63 27.32 -13.67
CA GLN A 74 -20.19 28.41 -14.56
C GLN A 74 -19.60 27.89 -15.87
N ALA A 75 -19.92 28.57 -16.98
CA ALA A 75 -19.40 28.18 -18.32
C ALA A 75 -17.86 28.07 -18.40
N LYS A 76 -17.17 29.03 -17.80
CA LYS A 76 -15.70 29.09 -17.84
C LYS A 76 -14.99 27.98 -17.03
N ILE A 77 -15.67 27.41 -16.05
CA ILE A 77 -15.01 26.49 -15.12
C ILE A 77 -14.96 25.07 -15.68
N GLN A 78 -13.74 24.63 -15.98
CA GLN A 78 -13.48 23.26 -16.42
C GLN A 78 -12.32 22.64 -15.60
N PRO A 79 -12.65 22.10 -14.40
CA PRO A 79 -11.65 21.62 -13.44
C PRO A 79 -10.74 20.50 -13.96
N SER A 80 -9.46 20.61 -13.59
CA SER A 80 -8.41 19.72 -14.04
C SER A 80 -7.83 18.93 -12.84
N MET A 81 -7.31 17.72 -13.10
CA MET A 81 -6.48 16.99 -12.14
C MET A 81 -5.00 17.08 -12.58
N PRO A 82 -4.08 17.24 -11.60
CA PRO A 82 -4.30 17.11 -10.15
C PRO A 82 -4.80 18.36 -9.40
N ALA A 83 -5.06 19.48 -10.10
CA ALA A 83 -5.34 20.76 -9.44
C ALA A 83 -6.52 20.69 -8.46
N LEU A 84 -7.60 20.01 -8.85
CA LEU A 84 -8.77 19.97 -7.98
C LEU A 84 -8.51 19.09 -6.71
N ARG A 85 -7.68 18.06 -6.87
CA ARG A 85 -7.22 17.23 -5.73
C ARG A 85 -6.37 18.05 -4.74
N MET A 86 -5.49 18.92 -5.28
CA MET A 86 -4.68 19.86 -4.46
C MET A 86 -5.60 20.82 -3.69
N ALA A 87 -6.61 21.36 -4.38
CA ALA A 87 -7.64 22.23 -3.75
C ALA A 87 -8.34 21.51 -2.58
N TYR A 88 -8.79 20.29 -2.83
CA TYR A 88 -9.38 19.43 -1.77
C TYR A 88 -8.42 19.24 -0.60
N ASN A 89 -7.15 18.89 -0.88
CA ASN A 89 -6.15 18.72 0.21
C ASN A 89 -6.10 19.97 1.10
N TYR A 90 -6.09 21.14 0.49
CA TYR A 90 -6.10 22.37 1.27
C TYR A 90 -7.31 22.47 2.21
N PHE A 91 -8.51 22.35 1.68
CA PHE A 91 -9.73 22.41 2.51
C PHE A 91 -9.76 21.34 3.60
N LEU A 92 -9.37 20.11 3.22
CA LEU A 92 -9.30 19.00 4.16
C LEU A 92 -8.37 19.35 5.35
N PHE A 93 -7.12 19.67 5.06
CA PHE A 93 -6.16 19.98 6.10
C PHE A 93 -6.40 21.31 6.83
N SER A 94 -7.03 22.28 6.18
CA SER A 94 -7.46 23.46 6.94
C SER A 94 -8.46 23.03 8.03
N LYS A 95 -9.33 22.07 7.72
CA LYS A 95 -10.37 21.63 8.66
C LYS A 95 -9.82 20.68 9.76
N VAL A 96 -8.94 19.75 9.38
CA VAL A 96 -8.51 18.66 10.27
C VAL A 96 -7.12 18.77 10.90
N GLY A 97 -6.29 19.66 10.37
CA GLY A 97 -4.88 19.77 10.79
C GLY A 97 -4.65 19.86 12.28
N GLU A 98 -5.36 20.79 12.93
CA GLU A 98 -5.29 20.97 14.38
C GLU A 98 -5.69 19.69 15.13
N PHE A 99 -6.84 19.14 14.77
CA PHE A 99 -7.33 17.89 15.38
C PHE A 99 -6.32 16.71 15.31
N ILE A 100 -5.60 16.56 14.20
CA ILE A 100 -4.58 15.50 14.07
C ILE A 100 -3.13 15.96 14.31
N GLY A 101 -2.97 17.23 14.66
CA GLY A 101 -1.68 17.75 15.05
C GLY A 101 -0.67 18.01 13.97
N SER A 102 -1.09 18.52 12.82
CA SER A 102 -0.14 18.81 11.73
C SER A 102 -0.61 19.96 10.84
N GLU A 103 -0.27 21.17 11.27
CA GLU A 103 -0.65 22.40 10.57
C GLU A 103 0.27 22.76 9.39
N ASP A 104 1.31 21.98 9.19
CA ASP A 104 2.31 22.19 8.13
C ASP A 104 1.75 22.26 6.70
N VAL A 105 0.69 21.50 6.44
CA VAL A 105 0.13 21.39 5.06
C VAL A 105 -0.55 22.69 4.71
N CYS A 106 -1.44 23.13 5.60
CA CYS A 106 -2.15 24.38 5.45
C CYS A 106 -1.18 25.57 5.39
N ASN A 107 -0.16 25.57 6.27
CA ASN A 107 0.82 26.65 6.28
C ASN A 107 1.51 26.80 4.95
N PHE A 108 1.87 25.67 4.33
CA PHE A 108 2.56 25.66 3.04
C PHE A 108 1.71 26.25 1.90
N PHE A 109 0.45 25.82 1.80
CA PHE A 109 -0.47 26.40 0.83
C PHE A 109 -0.53 27.89 1.01
N VAL A 110 -0.88 28.32 2.21
CA VAL A 110 -1.04 29.76 2.48
C VAL A 110 0.24 30.55 2.14
N ASP A 111 1.39 30.09 2.63
CA ASP A 111 2.64 30.83 2.42
C ASP A 111 3.26 30.73 1.01
N ARG A 112 3.24 29.55 0.40
CA ARG A 112 4.00 29.30 -0.82
C ARG A 112 3.12 29.20 -2.07
N VAL A 113 1.85 28.90 -1.88
CA VAL A 113 0.95 28.69 -3.02
C VAL A 113 0.00 29.89 -3.18
N PHE A 114 -0.41 30.49 -2.06
CA PHE A 114 -1.48 31.51 -2.06
C PHE A 114 -0.93 32.93 -1.89
N GLY A 115 0.39 33.09 -1.96
CA GLY A 115 1.02 34.39 -1.82
C GLY A 115 0.89 35.01 -0.44
N GLY A 116 0.55 34.21 0.57
CA GLY A 116 0.43 34.72 1.94
C GLY A 116 -1.00 34.91 2.42
N VAL A 117 -1.98 34.66 1.56
CA VAL A 117 -3.40 34.93 1.88
C VAL A 117 -4.18 33.66 2.28
N ARG A 118 -4.97 33.75 3.34
CA ARG A 118 -5.78 32.60 3.79
C ARG A 118 -7.07 32.43 2.96
N LEU A 119 -6.96 31.89 1.75
CA LEU A 119 -8.10 31.76 0.84
C LEU A 119 -9.19 30.84 1.39
N LEU A 120 -10.43 31.26 1.22
CA LEU A 120 -11.57 30.56 1.79
C LEU A 120 -12.56 30.06 0.75
N ASP A 121 -12.53 30.66 -0.44
CA ASP A 121 -13.47 30.31 -1.53
C ASP A 121 -12.86 29.32 -2.53
N VAL A 122 -13.68 28.42 -3.06
CA VAL A 122 -13.18 27.39 -3.96
C VAL A 122 -12.62 27.95 -5.27
N ALA A 123 -13.24 29.00 -5.84
CA ALA A 123 -12.71 29.60 -7.07
C ALA A 123 -11.24 29.99 -6.93
N SER A 124 -10.90 30.70 -5.85
CA SER A 124 -9.51 31.19 -5.63
C SER A 124 -8.54 30.07 -5.30
N VAL A 125 -8.94 29.21 -4.37
CA VAL A 125 -8.11 28.09 -3.99
C VAL A 125 -7.77 27.26 -5.23
N TYR A 126 -8.80 26.95 -6.03
CA TYR A 126 -8.58 26.20 -7.27
C TYR A 126 -7.59 26.89 -8.22
N ALA A 127 -7.79 28.19 -8.47
CA ALA A 127 -6.91 28.94 -9.35
C ALA A 127 -5.43 28.88 -8.88
N ALA A 128 -5.21 29.12 -7.60
CA ALA A 128 -3.87 29.08 -7.01
C ALA A 128 -3.26 27.67 -7.09
N CYS A 129 -4.07 26.66 -6.80
CA CYS A 129 -3.65 25.26 -6.99
C CYS A 129 -3.34 24.94 -8.44
N SER A 130 -4.13 25.50 -9.38
CA SER A 130 -3.85 25.31 -10.79
C SER A 130 -2.49 25.85 -11.21
N GLN A 131 -1.96 26.79 -10.42
CA GLN A 131 -0.71 27.50 -10.74
C GLN A 131 0.52 26.88 -10.04
N MET A 132 0.31 25.81 -9.29
CA MET A 132 1.43 25.11 -8.60
C MET A 132 2.34 24.40 -9.60
N ASN A 133 3.63 24.32 -9.29
CA ASN A 133 4.53 23.48 -10.07
C ASN A 133 4.61 22.06 -9.45
N ALA A 134 5.29 21.13 -10.14
CA ALA A 134 5.28 19.71 -9.74
C ALA A 134 6.03 19.53 -8.42
N HIS A 135 7.06 20.37 -8.18
CA HIS A 135 7.81 20.32 -6.91
C HIS A 135 7.00 20.78 -5.67
N GLN A 136 6.15 21.78 -5.86
CA GLN A 136 5.16 22.17 -4.85
C GLN A 136 4.12 21.07 -4.56
N ARG A 137 3.63 20.41 -5.60
CA ARG A 137 2.65 19.36 -5.40
C ARG A 137 3.34 18.20 -4.65
N HIS A 138 4.55 17.88 -5.08
CA HIS A 138 5.38 16.87 -4.42
C HIS A 138 5.58 17.18 -2.94
N HIS A 139 5.90 18.44 -2.65
CA HIS A 139 6.07 18.86 -1.26
C HIS A 139 4.78 18.68 -0.43
N ILE A 140 3.63 19.10 -0.96
CA ILE A 140 2.34 18.87 -0.30
C ILE A 140 2.08 17.36 -0.02
N CYS A 141 2.29 16.52 -1.03
CA CYS A 141 2.04 15.10 -0.89
C CYS A 141 2.94 14.45 0.18
N CYS A 142 4.17 14.92 0.25
CA CYS A 142 5.12 14.49 1.28
C CYS A 142 4.65 14.92 2.68
N LEU A 143 4.11 16.13 2.79
CA LEU A 143 3.63 16.61 4.09
C LEU A 143 2.40 15.83 4.56
N VAL A 144 1.52 15.51 3.62
CA VAL A 144 0.33 14.66 3.86
C VAL A 144 0.71 13.24 4.32
N GLU A 145 1.69 12.64 3.64
CA GLU A 145 2.26 11.36 4.06
C GLU A 145 2.73 11.39 5.51
N ARG A 146 3.54 12.39 5.87
CA ARG A 146 4.04 12.54 7.24
C ARG A 146 2.89 12.72 8.25
N ALA A 147 1.88 13.48 7.88
CA ALA A 147 0.70 13.74 8.73
C ALA A 147 -0.18 12.49 8.99
N THR A 148 0.00 11.45 8.16
CA THR A 148 -0.82 10.25 8.20
C THR A 148 -0.06 8.94 8.43
N SER A 149 1.18 9.03 8.92
CA SER A 149 2.01 7.84 9.15
C SER A 149 1.49 6.72 10.10
N SER A 150 0.47 6.98 10.89
CA SER A 150 -0.12 5.91 11.71
C SER A 150 -1.26 5.17 11.00
N GLN A 151 -1.44 5.47 9.71
CA GLN A 151 -2.33 4.75 8.82
C GLN A 151 -3.74 4.63 9.45
N SER A 152 -4.28 3.42 9.62
CA SER A 152 -5.69 3.27 10.01
C SER A 152 -6.01 3.77 11.43
N LEU A 153 -4.98 4.10 12.21
CA LEU A 153 -5.19 4.75 13.54
C LEU A 153 -5.50 6.25 13.46
N ASN A 154 -5.20 6.84 12.30
CA ASN A 154 -5.40 8.26 12.09
C ASN A 154 -6.88 8.48 11.73
N PRO A 155 -7.56 9.40 12.41
CA PRO A 155 -8.99 9.54 12.14
C PRO A 155 -9.38 10.06 10.75
N VAL A 156 -8.42 10.58 9.98
CA VAL A 156 -8.73 11.06 8.61
C VAL A 156 -8.38 10.04 7.52
N TRP A 157 -7.79 8.89 7.89
CA TRP A 157 -7.38 7.82 6.94
C TRP A 157 -8.42 7.49 5.88
N ASP A 158 -9.63 7.10 6.32
CA ASP A 158 -10.69 6.65 5.41
C ASP A 158 -11.13 7.79 4.50
N ALA A 159 -11.34 8.98 5.07
CA ALA A 159 -11.77 10.14 4.30
C ALA A 159 -10.80 10.57 3.21
N LEU A 160 -9.50 10.55 3.54
CA LEU A 160 -8.42 10.96 2.63
C LEU A 160 -8.26 9.97 1.44
N ARG A 161 -8.47 8.68 1.71
CA ARG A 161 -8.37 7.64 0.69
C ARG A 161 -9.54 7.60 -0.33
N ASP A 162 -10.63 8.24 0.01
CA ASP A 162 -11.79 8.31 -0.90
C ASP A 162 -11.39 9.04 -2.20
N GLY A 163 -11.89 8.53 -3.33
CA GLY A 163 -11.66 9.13 -4.65
C GLY A 163 -10.34 8.74 -5.30
N ILE A 164 -9.62 7.85 -4.64
CA ILE A 164 -8.31 7.49 -5.11
C ILE A 164 -8.24 6.01 -5.42
N ILE A 165 -7.56 5.63 -6.51
CA ILE A 165 -7.28 4.23 -6.77
C ILE A 165 -5.96 3.92 -6.01
N SER A 166 -6.10 3.22 -4.88
CA SER A 166 -4.99 2.91 -4.00
C SER A 166 -4.44 1.55 -4.42
N SER A 167 -3.29 1.15 -3.88
CA SER A 167 -2.71 -0.12 -4.30
C SER A 167 -3.50 -1.38 -3.99
N SER A 168 -4.29 -1.38 -2.92
CA SER A 168 -5.20 -2.47 -2.59
C SER A 168 -6.41 -2.57 -3.56
N LYS A 169 -6.67 -1.51 -4.33
CA LYS A 169 -7.77 -1.47 -5.32
C LYS A 169 -7.23 -1.51 -6.76
N PHE A 170 -5.92 -1.54 -6.94
CA PHE A 170 -5.39 -1.41 -8.32
C PHE A 170 -5.76 -2.57 -9.28
N HIS A 171 -5.66 -3.81 -8.82
CA HIS A 171 -6.11 -4.95 -9.60
C HIS A 171 -7.59 -4.81 -10.02
N TRP A 172 -8.45 -4.45 -9.06
CA TRP A 172 -9.90 -4.26 -9.29
C TRP A 172 -10.11 -3.17 -10.39
N ALA A 173 -9.36 -2.06 -10.28
CA ALA A 173 -9.53 -0.91 -11.22
C ALA A 173 -9.10 -1.28 -12.65
N VAL A 174 -8.19 -2.24 -12.77
CA VAL A 174 -7.75 -2.66 -14.12
C VAL A 174 -8.59 -3.84 -14.65
N LYS A 175 -8.80 -4.86 -13.82
CA LYS A 175 -9.25 -6.16 -14.32
C LYS A 175 -10.71 -6.42 -14.02
N GLN A 176 -11.31 -5.64 -13.12
CA GLN A 176 -12.61 -6.00 -12.64
C GLN A 176 -13.65 -4.90 -12.86
N GLN A 177 -13.46 -3.74 -12.22
CA GLN A 177 -14.32 -2.56 -12.45
C GLN A 177 -15.80 -2.78 -12.09
N ASN A 178 -16.04 -3.74 -11.19
CA ASN A 178 -17.41 -4.12 -10.84
C ASN A 178 -17.75 -3.47 -9.51
N THR A 179 -18.94 -3.76 -8.97
CA THR A 179 -19.35 -3.13 -7.68
C THR A 179 -18.78 -3.77 -6.40
N SER A 180 -17.76 -4.64 -6.53
CA SER A 180 -17.03 -5.19 -5.37
C SER A 180 -16.26 -4.16 -4.56
N LYS A 181 -15.92 -3.04 -5.21
CA LYS A 181 -15.21 -1.90 -4.60
C LYS A 181 -15.79 -0.68 -5.27
N LYS A 182 -15.41 0.50 -4.78
CA LYS A 182 -15.86 1.81 -5.30
C LYS A 182 -14.62 2.71 -5.27
N ILE A 183 -14.48 3.61 -6.24
CA ILE A 183 -13.46 4.70 -6.15
C ILE A 183 -14.06 5.79 -5.24
N PHE A 184 -15.33 6.14 -5.50
CA PHE A 184 -15.99 7.24 -4.81
C PHE A 184 -17.11 6.73 -3.91
N SER A 185 -17.21 7.29 -2.70
CA SER A 185 -18.37 7.13 -1.79
C SER A 185 -19.15 8.45 -1.65
N PRO A 186 -20.05 8.77 -2.60
CA PRO A 186 -20.58 10.14 -2.65
C PRO A 186 -21.93 10.33 -1.95
N GLY A 202 -3.97 -10.07 12.22
CA GLY A 202 -4.24 -9.13 11.11
C GLY A 202 -3.23 -7.99 11.00
N LEU A 203 -3.56 -6.84 11.58
CA LEU A 203 -2.59 -5.76 11.77
C LEU A 203 -1.54 -6.11 12.83
N ARG A 204 -1.94 -6.84 13.87
CA ARG A 204 -1.00 -7.33 14.86
C ARG A 204 0.11 -8.17 14.19
N CYS A 205 -0.30 -9.18 13.40
CA CYS A 205 0.66 -10.03 12.69
C CYS A 205 1.53 -9.26 11.68
N GLU A 206 0.94 -8.33 10.93
CA GLU A 206 1.74 -7.49 10.04
C GLU A 206 2.86 -6.76 10.77
N GLU A 207 2.58 -6.26 11.97
CA GLU A 207 3.59 -5.57 12.76
C GLU A 207 4.72 -6.50 13.16
N VAL A 208 4.38 -7.78 13.41
CA VAL A 208 5.42 -8.75 13.75
C VAL A 208 6.35 -8.96 12.56
N VAL A 209 5.79 -9.11 11.37
CA VAL A 209 6.62 -9.25 10.19
C VAL A 209 7.54 -8.01 9.97
N LYS A 210 7.01 -6.81 10.17
CA LYS A 210 7.86 -5.58 10.08
C LYS A 210 9.05 -5.69 11.00
N THR A 211 8.80 -6.08 12.26
CA THR A 211 9.91 -6.29 13.22
C THR A 211 10.97 -7.30 12.76
N LEU A 212 10.53 -8.40 12.16
CA LEU A 212 11.43 -9.40 11.56
C LEU A 212 12.30 -8.82 10.44
N LEU A 213 11.69 -8.07 9.52
CA LEU A 213 12.41 -7.42 8.43
C LEU A 213 13.46 -6.44 8.98
N ALA A 214 13.00 -5.56 9.87
CA ALA A 214 13.84 -4.51 10.45
C ALA A 214 15.01 -5.06 11.28
N THR A 215 14.71 -6.00 12.17
CA THR A 215 15.67 -6.56 13.12
C THR A 215 16.56 -7.69 12.54
N LEU A 216 16.00 -8.53 11.69
CA LEU A 216 16.75 -9.72 11.25
C LEU A 216 17.30 -9.64 9.85
N LEU A 217 16.64 -8.90 8.97
CA LEU A 217 17.11 -8.75 7.58
C LEU A 217 17.87 -7.45 7.35
N HIS A 218 17.50 -6.40 8.07
CA HIS A 218 18.13 -5.09 7.82
C HIS A 218 18.63 -4.44 9.13
N PRO A 219 19.41 -5.19 9.92
CA PRO A 219 19.77 -4.67 11.24
C PRO A 219 20.76 -3.50 11.16
N ASP A 220 21.53 -3.46 10.06
CA ASP A 220 22.61 -2.51 9.85
C ASP A 220 22.21 -1.32 8.99
N GLU A 221 20.91 -1.15 8.79
CA GLU A 221 20.45 -0.13 7.85
C GLU A 221 19.41 0.80 8.45
N THR A 222 19.28 1.97 7.85
CA THR A 222 18.19 2.88 8.18
C THR A 222 16.90 2.40 7.48
N ASN A 223 15.88 2.12 8.28
CA ASN A 223 14.61 1.61 7.77
C ASN A 223 13.44 2.46 8.23
N CYS A 224 12.35 2.39 7.47
CA CYS A 224 11.14 3.03 7.90
C CYS A 224 10.07 1.98 8.09
N LEU A 225 9.49 2.02 9.29
CA LEU A 225 8.44 1.11 9.67
C LEU A 225 7.05 1.75 9.55
N ASP A 226 6.96 3.08 9.59
CA ASP A 226 5.64 3.75 9.51
C ASP A 226 5.54 4.81 8.39
N TYR A 227 4.78 4.46 7.35
CA TYR A 227 4.52 5.30 6.17
C TYR A 227 3.06 5.71 6.15
N GLY A 228 2.80 6.97 5.79
CA GLY A 228 1.45 7.46 5.63
C GLY A 228 0.95 7.21 4.21
N PHE A 229 -0.04 7.99 3.79
CA PHE A 229 -0.62 7.80 2.49
C PHE A 229 0.04 8.76 1.47
N MET A 230 0.61 8.20 0.43
CA MET A 230 1.34 8.95 -0.58
C MET A 230 0.48 9.10 -1.82
N GLN A 231 -0.14 10.27 -2.01
CA GLN A 231 -0.92 10.57 -3.20
C GLN A 231 0.10 10.81 -4.37
N SER A 232 -0.30 10.51 -5.60
CA SER A 232 0.47 10.94 -6.77
C SER A 232 0.42 12.46 -6.98
N PRO A 233 1.59 13.16 -6.90
CA PRO A 233 1.54 14.61 -7.15
C PRO A 233 1.32 14.97 -8.62
N GLN A 234 1.55 14.03 -9.52
CA GLN A 234 1.45 14.34 -10.94
C GLN A 234 0.03 14.21 -11.47
N ASN A 235 -0.78 13.34 -10.86
CA ASN A 235 -2.19 13.16 -11.33
C ASN A 235 -3.29 13.31 -10.27
N GLY A 236 -2.96 13.05 -9.01
CA GLY A 236 -3.96 13.09 -7.94
C GLY A 236 -5.06 12.02 -7.99
N ILE A 237 -4.91 10.99 -8.81
CA ILE A 237 -5.91 9.89 -8.90
C ILE A 237 -5.42 8.56 -8.32
N PHE A 238 -4.10 8.43 -8.20
CA PHE A 238 -3.49 7.23 -7.60
C PHE A 238 -2.81 7.57 -6.27
N GLY A 239 -2.67 6.56 -5.40
CA GLY A 239 -1.92 6.70 -4.17
C GLY A 239 -1.70 5.36 -3.50
N VAL A 240 -0.71 5.28 -2.63
CA VAL A 240 -0.38 4.08 -1.91
C VAL A 240 0.04 4.39 -0.46
N SER A 241 -0.07 3.40 0.42
CA SER A 241 0.75 3.45 1.63
C SER A 241 1.69 2.23 1.54
N LEU A 242 2.87 2.33 2.13
CA LEU A 242 3.78 1.22 2.10
C LEU A 242 3.82 0.54 3.46
N ASP A 243 4.12 -0.76 3.48
CA ASP A 243 4.25 -1.45 4.78
C ASP A 243 5.62 -1.21 5.40
N PHE A 244 6.69 -1.39 4.62
CA PHE A 244 8.06 -1.32 5.13
C PHE A 244 9.05 -1.00 4.03
N ALA A 245 10.11 -0.23 4.33
CA ALA A 245 11.20 -0.01 3.38
C ALA A 245 12.53 0.05 4.09
N ALA A 246 13.54 -0.49 3.43
CA ALA A 246 14.91 -0.41 3.93
C ALA A 246 15.70 0.59 3.05
N ASN A 247 16.64 1.32 3.66
CA ASN A 247 17.31 2.49 3.00
C ASN A 247 16.41 3.70 2.68
N VAL A 248 15.54 4.07 3.61
CA VAL A 248 14.64 5.21 3.41
C VAL A 248 14.71 6.01 4.69
N LYS A 249 14.77 7.33 4.55
CA LYS A 249 15.02 8.25 5.67
C LYS A 249 14.18 9.53 5.58
N THR A 250 14.12 10.24 6.71
CA THR A 250 13.59 11.61 6.81
C THR A 250 14.74 12.56 6.43
N ASP A 251 14.42 13.61 5.69
CA ASP A 251 15.43 14.60 5.27
C ASP A 251 15.48 15.79 6.23
N THR A 252 16.23 16.84 5.87
CA THR A 252 16.43 18.00 6.76
C THR A 252 15.12 18.56 7.38
N GLU A 253 14.13 18.83 6.52
CA GLU A 253 12.82 19.33 6.95
C GLU A 253 11.71 18.95 5.97
N GLY A 254 10.87 17.98 6.31
CA GLY A 254 11.09 17.00 7.38
C GLY A 254 10.50 15.71 6.83
N ARG A 255 10.51 15.63 5.50
CA ARG A 255 9.82 14.62 4.68
C ARG A 255 10.68 13.39 4.39
N LEU A 256 10.07 12.37 3.77
CA LEU A 256 10.76 11.12 3.42
C LEU A 256 11.70 11.26 2.23
N GLN A 257 12.80 10.52 2.32
CA GLN A 257 13.79 10.39 1.25
C GLN A 257 13.96 8.91 0.94
N PHE A 258 13.48 8.51 -0.24
CA PHE A 258 13.74 7.19 -0.79
C PHE A 258 15.10 7.20 -1.52
N ASP A 259 16.04 6.37 -1.05
CA ASP A 259 17.28 6.15 -1.81
C ASP A 259 16.91 5.51 -3.15
N PRO A 260 17.58 5.94 -4.26
CA PRO A 260 17.37 5.26 -5.55
C PRO A 260 17.56 3.73 -5.49
N ASN A 261 18.24 3.21 -4.46
CA ASN A 261 18.39 1.77 -4.26
C ASN A 261 17.74 1.23 -2.97
N CYS A 262 16.63 1.83 -2.56
CA CYS A 262 15.90 1.34 -1.38
C CYS A 262 15.27 -0.02 -1.69
N LYS A 263 14.84 -0.75 -0.66
CA LYS A 263 14.18 -2.03 -0.85
C LYS A 263 12.78 -1.89 -0.27
N VAL A 264 11.77 -2.12 -1.08
CA VAL A 264 10.38 -1.89 -0.62
C VAL A 264 9.66 -3.23 -0.42
N TYR A 265 9.02 -3.43 0.75
CA TYR A 265 8.31 -4.69 1.04
C TYR A 265 6.80 -4.52 1.32
N GLU A 266 5.97 -5.28 0.60
CA GLU A 266 4.56 -5.43 0.89
C GLU A 266 4.40 -6.70 1.78
N ILE A 267 3.81 -6.55 2.96
CA ILE A 267 3.75 -7.64 3.95
C ILE A 267 2.37 -8.33 3.87
N LYS A 268 2.35 -9.67 3.81
CA LYS A 268 1.08 -10.44 3.86
C LYS A 268 1.21 -11.53 4.93
N CYS A 269 0.13 -11.90 5.59
CA CYS A 269 0.18 -13.03 6.53
C CYS A 269 -0.74 -14.13 6.05
N ARG A 270 -0.31 -15.38 6.22
CA ARG A 270 -1.09 -16.53 5.72
C ARG A 270 -1.85 -17.24 6.82
N PHE A 271 -3.04 -16.77 7.16
CA PHE A 271 -3.73 -17.32 8.31
C PHE A 271 -4.24 -18.75 8.10
N LYS A 272 -4.39 -19.19 6.86
CA LYS A 272 -4.86 -20.58 6.61
C LYS A 272 -3.86 -21.60 7.14
N TYR A 273 -2.61 -21.17 7.37
CA TYR A 273 -1.53 -22.06 7.77
C TYR A 273 -1.21 -21.98 9.27
N THR A 274 -1.97 -21.19 10.02
CA THR A 274 -1.80 -21.11 11.47
C THR A 274 -2.10 -22.48 12.10
N PHE A 275 -1.17 -22.99 12.90
CA PHE A 275 -1.34 -24.29 13.58
C PHE A 275 -1.06 -24.20 15.07
N ALA A 276 -1.50 -25.21 15.81
CA ALA A 276 -1.08 -25.36 17.19
C ALA A 276 -0.24 -26.61 17.30
N LYS A 277 0.67 -26.62 18.26
CA LYS A 277 1.53 -27.78 18.48
C LYS A 277 0.74 -28.90 19.18
N MET A 278 -0.38 -29.32 18.56
CA MET A 278 -1.26 -30.41 19.10
C MET A 278 -0.97 -31.73 18.41
N GLU A 279 -1.28 -32.81 19.14
CA GLU A 279 -1.18 -34.18 18.72
C GLU A 279 -1.77 -34.45 17.32
N CYS A 280 -2.97 -33.96 17.07
CA CYS A 280 -3.67 -34.34 15.84
C CYS A 280 -3.57 -33.33 14.70
N ASP A 281 -2.66 -32.35 14.79
CA ASP A 281 -2.62 -31.26 13.82
C ASP A 281 -1.69 -31.57 12.60
N PRO A 282 -2.26 -31.70 11.37
CA PRO A 282 -1.46 -32.13 10.21
C PRO A 282 -0.46 -31.06 9.69
N ILE A 283 -0.78 -29.78 9.89
CA ILE A 283 0.14 -28.69 9.54
C ILE A 283 1.36 -28.78 10.47
N TYR A 284 1.12 -29.04 11.77
CA TYR A 284 2.20 -29.18 12.76
C TYR A 284 3.14 -30.32 12.37
N ALA A 285 2.55 -31.43 11.93
CA ALA A 285 3.35 -32.57 11.46
C ALA A 285 4.35 -32.14 10.38
N ALA A 286 3.86 -31.46 9.36
CA ALA A 286 4.69 -30.95 8.27
C ALA A 286 5.70 -29.89 8.74
N TYR A 287 5.27 -29.01 9.64
CA TYR A 287 6.16 -28.00 10.22
C TYR A 287 7.39 -28.61 10.93
N GLN A 288 7.14 -29.61 11.77
CA GLN A 288 8.20 -30.33 12.48
C GLN A 288 9.32 -30.79 11.52
N ARG A 289 8.93 -31.38 10.39
CA ARG A 289 9.88 -31.89 9.39
C ARG A 289 10.68 -30.75 8.79
N LEU A 290 9.99 -29.67 8.40
CA LEU A 290 10.62 -28.47 7.88
C LEU A 290 11.60 -27.84 8.87
N TYR A 291 11.23 -27.77 10.15
CA TYR A 291 12.05 -27.16 11.20
C TYR A 291 13.36 -27.92 11.42
N GLU A 292 13.27 -29.26 11.45
CA GLU A 292 14.41 -30.12 11.68
C GLU A 292 15.30 -30.25 10.46
N ALA A 293 14.69 -30.15 9.28
CA ALA A 293 15.41 -30.33 8.00
C ALA A 293 15.01 -29.24 6.99
N PRO A 294 15.47 -28.00 7.20
CA PRO A 294 15.01 -26.89 6.33
C PRO A 294 15.41 -27.06 4.85
N GLY A 295 14.41 -27.11 3.97
CA GLY A 295 14.67 -27.23 2.53
C GLY A 295 13.40 -27.31 1.70
N LYS A 296 13.58 -27.42 0.38
CA LYS A 296 12.46 -27.32 -0.54
C LYS A 296 11.40 -28.43 -0.47
N LEU A 297 11.81 -29.65 -0.14
CA LEU A 297 10.89 -30.78 -0.04
C LEU A 297 10.01 -30.72 1.19
N ALA A 298 10.63 -30.47 2.35
CA ALA A 298 9.88 -30.19 3.59
C ALA A 298 8.94 -28.98 3.40
N LEU A 299 9.38 -27.99 2.64
CA LEU A 299 8.55 -26.81 2.36
C LEU A 299 7.31 -27.13 1.52
N LYS A 300 7.50 -27.98 0.50
CA LYS A 300 6.39 -28.44 -0.33
C LYS A 300 5.32 -29.15 0.49
N ASP A 301 5.76 -30.08 1.35
CA ASP A 301 4.86 -30.84 2.21
C ASP A 301 4.09 -29.94 3.18
N PHE A 302 4.77 -28.87 3.65
CA PHE A 302 4.14 -27.87 4.48
C PHE A 302 3.08 -27.11 3.68
N PHE A 303 3.43 -26.64 2.48
CA PHE A 303 2.45 -25.94 1.65
C PHE A 303 1.21 -26.78 1.37
N TYR A 304 1.42 -28.05 1.04
CA TYR A 304 0.33 -28.95 0.70
C TYR A 304 -0.19 -29.74 1.89
N SER A 305 -0.12 -29.16 3.10
CA SER A 305 -0.73 -29.77 4.28
C SER A 305 -2.16 -29.22 4.51
N ILE A 306 -2.58 -28.29 3.66
CA ILE A 306 -3.95 -27.74 3.67
C ILE A 306 -4.67 -27.89 2.30
N SER A 307 -6.00 -27.76 2.31
CA SER A 307 -6.82 -28.00 1.11
C SER A 307 -6.79 -26.89 0.04
N LYS A 308 -6.46 -25.66 0.46
CA LYS A 308 -6.29 -24.57 -0.50
C LYS A 308 -4.86 -24.00 -0.45
N PRO A 309 -3.90 -24.71 -1.09
CA PRO A 309 -2.48 -24.38 -0.98
C PRO A 309 -2.12 -23.01 -1.56
N ALA A 310 -1.11 -22.37 -0.97
CA ALA A 310 -0.72 -21.03 -1.37
C ALA A 310 0.20 -21.03 -2.60
N VAL A 311 0.61 -22.21 -3.05
CA VAL A 311 1.49 -22.34 -4.21
C VAL A 311 0.76 -23.12 -5.32
N GLU A 312 0.89 -22.66 -6.57
CA GLU A 312 0.28 -23.36 -7.71
C GLU A 312 1.35 -23.69 -8.75
N TYR A 313 1.36 -24.93 -9.24
CA TYR A 313 2.24 -25.27 -10.36
C TYR A 313 1.61 -24.80 -11.67
N VAL A 314 2.39 -24.09 -12.47
CA VAL A 314 1.92 -23.61 -13.77
C VAL A 314 2.87 -24.14 -14.84
N GLY A 315 2.33 -24.93 -15.78
CA GLY A 315 3.14 -25.50 -16.84
C GLY A 315 3.43 -24.52 -17.97
N LEU A 316 4.33 -24.92 -18.86
CA LEU A 316 4.75 -24.04 -19.97
C LEU A 316 3.56 -23.60 -20.81
N GLY A 317 3.53 -22.32 -21.15
CA GLY A 317 2.44 -21.72 -21.93
C GLY A 317 1.05 -21.81 -21.34
N LYS A 318 0.96 -22.06 -20.02
CA LYS A 318 -0.33 -22.14 -19.36
C LYS A 318 -0.59 -20.87 -18.55
N LEU A 319 -1.87 -20.56 -18.37
CA LEU A 319 -2.31 -19.34 -17.69
C LEU A 319 -2.45 -19.62 -16.19
N PRO A 320 -1.72 -18.86 -15.34
CA PRO A 320 -1.90 -19.07 -13.89
C PRO A 320 -3.32 -18.68 -13.46
N SER A 321 -3.86 -19.33 -12.43
CA SER A 321 -5.14 -18.89 -11.91
C SER A 321 -4.90 -17.67 -11.02
N GLU A 322 -5.98 -17.09 -10.51
CA GLU A 322 -5.87 -15.92 -9.64
C GLU A 322 -5.89 -16.33 -8.17
N SER A 323 -5.94 -17.65 -7.92
CA SER A 323 -6.23 -18.21 -6.58
C SER A 323 -5.21 -17.91 -5.46
N ASP A 324 -3.91 -17.93 -5.77
CA ASP A 324 -2.94 -17.43 -4.78
C ASP A 324 -1.72 -16.84 -5.46
N TYR A 325 -0.81 -16.30 -4.67
CA TYR A 325 0.15 -15.38 -5.26
C TYR A 325 1.57 -15.90 -5.45
N LEU A 326 1.79 -17.18 -5.14
CA LEU A 326 3.05 -17.84 -5.49
C LEU A 326 2.79 -18.92 -6.55
N VAL A 327 3.68 -18.99 -7.52
CA VAL A 327 3.62 -20.03 -8.54
C VAL A 327 4.98 -20.70 -8.68
N ALA A 328 4.96 -21.96 -9.11
CA ALA A 328 6.17 -22.69 -9.44
C ALA A 328 6.08 -23.06 -10.91
N TYR A 329 7.20 -22.96 -11.62
CA TYR A 329 7.25 -23.38 -13.01
C TYR A 329 8.01 -24.69 -13.19
N ASP A 330 8.56 -25.18 -12.07
CA ASP A 330 9.25 -26.47 -12.04
C ASP A 330 8.31 -27.59 -11.58
N GLN A 331 8.33 -28.70 -12.32
CA GLN A 331 7.39 -29.79 -12.15
C GLN A 331 7.45 -30.46 -10.78
N GLU A 332 8.56 -30.27 -10.07
CA GLU A 332 8.76 -30.81 -8.71
C GLU A 332 7.69 -30.33 -7.71
N TRP A 333 7.03 -29.22 -8.02
CA TRP A 333 5.99 -28.66 -7.15
C TRP A 333 4.57 -29.11 -7.52
N GLU A 334 4.44 -29.83 -8.63
CA GLU A 334 3.17 -30.38 -9.08
C GLU A 334 2.68 -31.46 -8.11
N ALA A 335 1.42 -31.37 -7.70
CA ALA A 335 0.78 -32.39 -6.86
C ALA A 335 -0.70 -32.51 -7.22
N CYS A 336 -0.96 -33.00 -8.42
CA CYS A 336 -2.30 -32.97 -9.01
C CYS A 336 -3.27 -33.91 -8.30
N ARG A 341 -6.38 -23.65 -18.79
CA ARG A 341 -6.35 -22.53 -19.74
C ARG A 341 -4.94 -22.24 -20.25
N LYS A 342 -4.81 -22.10 -21.57
CA LYS A 342 -3.54 -21.69 -22.19
C LYS A 342 -3.46 -20.17 -22.29
N LEU A 343 -2.24 -19.63 -22.34
CA LEU A 343 -2.02 -18.25 -22.76
C LEU A 343 -2.35 -18.12 -24.25
N THR A 344 -3.09 -17.08 -24.61
CA THR A 344 -3.44 -16.83 -26.01
C THR A 344 -2.52 -15.70 -26.52
N PRO A 345 -2.57 -15.39 -27.83
CA PRO A 345 -1.83 -14.21 -28.30
C PRO A 345 -2.21 -12.92 -27.59
N LEU A 346 -3.40 -12.84 -27.01
CA LEU A 346 -3.84 -11.63 -26.31
C LEU A 346 -3.36 -11.51 -24.87
N HIS A 347 -2.74 -12.56 -24.37
CA HIS A 347 -2.12 -12.51 -23.06
C HIS A 347 -0.65 -12.09 -23.15
N ASN A 348 -0.31 -11.21 -24.10
CA ASN A 348 1.09 -10.79 -24.30
C ASN A 348 1.71 -10.03 -23.10
N LEU A 349 0.91 -9.19 -22.44
CA LEU A 349 1.38 -8.52 -21.22
C LEU A 349 1.71 -9.55 -20.13
N ILE A 350 0.82 -10.54 -19.92
CA ILE A 350 1.08 -11.62 -18.95
C ILE A 350 2.38 -12.37 -19.28
N ARG A 351 2.55 -12.76 -20.54
CA ARG A 351 3.76 -13.45 -20.96
C ARG A 351 5.03 -12.66 -20.61
N GLU A 352 5.00 -11.36 -20.86
CA GLU A 352 6.13 -10.46 -20.61
C GLU A 352 6.44 -10.37 -19.09
N CYS A 353 5.38 -10.32 -18.29
CA CYS A 353 5.54 -10.27 -16.85
C CYS A 353 6.12 -11.59 -16.33
N ILE A 354 5.67 -12.72 -16.88
CA ILE A 354 6.23 -14.02 -16.47
C ILE A 354 7.72 -14.07 -16.84
N LEU A 355 8.04 -13.65 -18.07
CA LEU A 355 9.42 -13.55 -18.55
C LEU A 355 10.37 -12.85 -17.55
N HIS A 356 9.89 -11.77 -16.94
CA HIS A 356 10.68 -10.97 -16.01
C HIS A 356 10.53 -11.37 -14.54
N ASN A 357 9.71 -12.40 -14.29
CA ASN A 357 9.49 -12.90 -12.93
C ASN A 357 9.63 -14.42 -12.85
N SER A 358 10.71 -14.94 -13.41
CA SER A 358 10.94 -16.37 -13.39
C SER A 358 12.42 -16.75 -13.25
N THR A 359 13.23 -15.85 -12.69
CA THR A 359 14.69 -16.04 -12.51
C THR A 359 15.19 -15.95 -11.04
N THR A 360 14.98 -14.79 -10.40
CA THR A 360 15.42 -14.58 -9.01
C THR A 360 14.51 -15.33 -8.06
N GLU A 361 15.09 -16.27 -7.31
CA GLU A 361 14.31 -17.10 -6.38
C GLU A 361 13.93 -16.43 -5.06
N SER A 362 12.92 -16.99 -4.39
CA SER A 362 12.48 -16.52 -3.06
C SER A 362 13.48 -16.94 -1.98
N ASP A 363 13.65 -16.11 -0.96
CA ASP A 363 14.42 -16.51 0.23
C ASP A 363 13.45 -17.03 1.28
N VAL A 364 13.74 -18.21 1.83
CA VAL A 364 12.92 -18.73 2.93
C VAL A 364 13.69 -18.68 4.25
N TYR A 365 13.08 -18.12 5.31
CA TYR A 365 13.69 -18.01 6.63
C TYR A 365 12.89 -18.84 7.62
N VAL A 366 13.50 -19.91 8.11
CA VAL A 366 12.89 -20.69 9.17
C VAL A 366 13.30 -20.04 10.49
N LEU A 367 12.35 -19.70 11.35
CA LEU A 367 12.71 -19.01 12.57
C LEU A 367 12.93 -19.98 13.72
N THR A 368 13.77 -19.61 14.69
CA THR A 368 13.87 -20.37 15.92
C THR A 368 12.54 -20.39 16.69
N ASP A 369 12.30 -21.51 17.34
CA ASP A 369 11.09 -21.73 18.11
C ASP A 369 11.34 -21.21 19.54
N PRO A 370 10.53 -20.21 20.00
CA PRO A 370 10.74 -19.67 21.36
C PRO A 370 10.44 -20.67 22.50
N GLN A 371 9.91 -21.85 22.19
CA GLN A 371 9.73 -22.86 23.25
C GLN A 371 11.07 -23.49 23.63
N ASP A 372 12.01 -23.41 22.69
CA ASP A 372 13.38 -23.87 22.92
C ASP A 372 14.17 -22.79 23.66
N THR A 373 14.07 -21.54 23.18
CA THR A 373 14.92 -20.43 23.63
C THR A 373 14.32 -19.64 24.80
N ARG A 374 13.12 -20.06 25.25
CA ARG A 374 12.30 -19.33 26.25
C ARG A 374 12.04 -17.86 25.92
N GLY A 375 12.05 -17.50 24.63
CA GLY A 375 11.74 -16.13 24.26
C GLY A 375 12.25 -15.62 22.93
N GLN A 376 13.54 -15.81 22.67
CA GLN A 376 14.15 -15.21 21.48
C GLN A 376 13.80 -15.91 20.16
N ILE A 377 13.33 -15.09 19.22
CA ILE A 377 13.05 -15.54 17.87
C ILE A 377 14.05 -14.88 16.91
N SER A 378 14.92 -15.71 16.34
CA SER A 378 15.92 -15.28 15.38
C SER A 378 15.93 -16.25 14.20
N ILE A 379 16.80 -16.02 13.21
CA ILE A 379 16.87 -16.90 12.05
C ILE A 379 17.59 -18.18 12.45
N LYS A 380 16.94 -19.33 12.22
CA LYS A 380 17.54 -20.65 12.44
C LYS A 380 18.22 -21.14 11.16
N ALA A 381 17.57 -20.95 10.02
CA ALA A 381 18.10 -21.42 8.74
C ALA A 381 17.47 -20.64 7.62
N ARG A 382 18.20 -20.54 6.51
CA ARG A 382 17.86 -19.71 5.36
C ARG A 382 18.15 -20.53 4.11
N PHE A 383 17.23 -20.54 3.13
CA PHE A 383 17.42 -21.27 1.88
C PHE A 383 16.64 -20.69 0.70
N LYS A 384 17.09 -20.95 -0.53
CA LYS A 384 16.40 -20.46 -1.74
C LYS A 384 15.26 -21.41 -2.17
N ALA A 385 14.16 -20.84 -2.64
CA ALA A 385 13.06 -21.65 -3.18
C ALA A 385 12.64 -21.10 -4.54
N ASN A 386 12.57 -21.96 -5.55
CA ASN A 386 12.10 -21.55 -6.88
C ASN A 386 10.58 -21.34 -6.89
N LEU A 387 10.17 -20.38 -6.07
CA LEU A 387 8.80 -19.94 -6.00
C LEU A 387 8.82 -18.48 -6.41
N PHE A 388 7.86 -18.09 -7.24
CA PHE A 388 7.86 -16.76 -7.89
C PHE A 388 6.51 -16.09 -7.73
N VAL A 389 6.47 -14.76 -7.87
CA VAL A 389 5.20 -14.04 -7.79
C VAL A 389 4.27 -14.50 -8.91
N ASN A 390 2.97 -14.62 -8.61
CA ASN A 390 1.96 -14.86 -9.62
C ASN A 390 1.54 -13.50 -10.22
N VAL A 391 1.91 -13.31 -11.49
CA VAL A 391 1.75 -12.00 -12.15
C VAL A 391 0.28 -11.68 -12.44
N ARG A 392 -0.59 -12.67 -12.29
CA ARG A 392 -2.02 -12.48 -12.42
C ARG A 392 -2.70 -12.17 -11.09
N HIS A 393 -1.97 -12.26 -9.99
CA HIS A 393 -2.63 -12.13 -8.68
C HIS A 393 -2.76 -10.66 -8.33
N SER A 394 -3.81 -10.32 -7.58
CA SER A 394 -3.98 -8.93 -7.15
C SER A 394 -2.76 -8.34 -6.41
N TYR A 395 -1.95 -9.17 -5.76
CA TYR A 395 -0.76 -8.67 -5.03
C TYR A 395 0.34 -8.20 -5.98
N PHE A 396 0.41 -8.80 -7.16
CA PHE A 396 1.31 -8.33 -8.19
C PHE A 396 0.99 -6.90 -8.62
N TYR A 397 -0.28 -6.63 -8.86
CA TYR A 397 -0.81 -5.32 -9.22
C TYR A 397 -0.64 -4.30 -8.08
N GLN A 398 -0.84 -4.74 -6.84
CA GLN A 398 -0.61 -3.88 -5.67
C GLN A 398 0.83 -3.34 -5.59
N VAL A 399 1.82 -4.22 -5.74
CA VAL A 399 3.22 -3.80 -5.65
C VAL A 399 3.58 -2.98 -6.90
N LEU A 400 2.95 -3.32 -8.03
CA LEU A 400 3.15 -2.58 -9.30
C LEU A 400 2.81 -1.11 -9.04
N LEU A 401 1.63 -0.84 -8.50
CA LEU A 401 1.30 0.57 -8.19
C LEU A 401 2.22 1.24 -7.16
N GLN A 402 2.61 0.52 -6.10
CA GLN A 402 3.55 1.04 -5.13
C GLN A 402 4.88 1.37 -5.82
N SER A 403 5.33 0.54 -6.75
CA SER A 403 6.55 0.89 -7.48
C SER A 403 6.42 2.21 -8.29
N SER A 404 5.28 2.41 -8.93
CA SER A 404 5.03 3.61 -9.75
C SER A 404 5.04 4.88 -8.89
N ILE A 405 4.42 4.81 -7.71
CA ILE A 405 4.37 5.95 -6.79
C ILE A 405 5.74 6.22 -6.17
N VAL A 406 6.42 5.18 -5.70
CA VAL A 406 7.81 5.34 -5.19
C VAL A 406 8.75 6.00 -6.24
N GLU A 407 8.68 5.51 -7.47
CA GLU A 407 9.54 6.02 -8.54
C GLU A 407 9.21 7.45 -9.00
N GLU A 408 7.93 7.79 -8.96
CA GLU A 408 7.45 9.18 -9.15
C GLU A 408 8.05 10.14 -8.11
N TYR A 409 7.99 9.78 -6.82
CA TYR A 409 8.55 10.62 -5.75
C TYR A 409 10.09 10.74 -5.88
N ILE A 410 10.78 9.63 -6.13
CA ILE A 410 12.23 9.68 -6.42
C ILE A 410 12.55 10.62 -7.61
N GLY A 411 11.66 10.66 -8.61
CA GLY A 411 11.83 11.48 -9.83
C GLY A 411 11.70 12.95 -9.52
N LEU A 412 10.83 13.29 -8.58
CA LEU A 412 10.60 14.67 -8.14
C LEU A 412 11.55 15.16 -7.06
N ASP A 413 12.20 14.25 -6.35
CA ASP A 413 13.21 14.59 -5.33
C ASP A 413 14.31 15.46 -5.94
N SER A 414 14.76 16.51 -5.24
CA SER A 414 15.86 17.33 -5.74
C SER A 414 17.15 16.54 -5.64
N GLY A 415 18.08 16.82 -6.53
CA GLY A 415 19.42 16.27 -6.43
C GLY A 415 19.88 15.59 -7.70
N ILE A 416 21.16 15.24 -7.75
CA ILE A 416 21.70 14.50 -8.88
C ILE A 416 21.11 13.07 -8.95
N PRO A 417 20.55 12.70 -10.13
CA PRO A 417 20.06 11.33 -10.30
C PRO A 417 21.22 10.32 -10.24
N ARG A 418 20.98 9.22 -9.54
CA ARG A 418 21.99 8.21 -9.22
C ARG A 418 21.64 6.92 -9.95
N LEU A 419 22.65 6.05 -10.15
CA LEU A 419 22.47 4.78 -10.87
C LEU A 419 21.74 3.75 -9.99
N GLY A 420 20.64 3.23 -10.51
CA GLY A 420 19.95 2.13 -9.84
C GLY A 420 18.51 2.44 -9.62
N SER A 421 17.69 1.41 -9.58
CA SER A 421 16.29 1.59 -9.25
C SER A 421 15.97 0.76 -8.01
N PRO A 422 14.90 1.13 -7.32
CA PRO A 422 14.56 0.35 -6.12
C PRO A 422 14.18 -1.10 -6.47
N LYS A 423 14.26 -1.98 -5.47
CA LYS A 423 13.80 -3.37 -5.60
C LYS A 423 12.58 -3.61 -4.70
N TYR A 424 11.66 -4.45 -5.17
CA TYR A 424 10.34 -4.71 -4.56
C TYR A 424 10.19 -6.17 -4.17
N TYR A 425 9.49 -6.40 -3.07
CA TYR A 425 9.31 -7.75 -2.52
C TYR A 425 7.95 -7.91 -1.88
N ILE A 426 7.45 -9.15 -1.89
CA ILE A 426 6.36 -9.52 -1.01
C ILE A 426 6.97 -10.34 0.12
N ALA A 427 6.71 -9.90 1.36
CA ALA A 427 7.17 -10.59 2.56
C ALA A 427 5.98 -11.32 3.21
N THR A 428 6.02 -12.65 3.19
CA THR A 428 4.91 -13.47 3.65
C THR A 428 5.29 -14.09 4.98
N GLY A 429 4.49 -13.82 6.01
CA GLY A 429 4.68 -14.39 7.34
C GLY A 429 3.72 -15.54 7.65
N PHE A 430 4.22 -16.54 8.36
CA PHE A 430 3.46 -17.74 8.76
C PHE A 430 3.58 -17.81 10.26
N PHE A 431 2.54 -18.32 10.90
CA PHE A 431 2.39 -18.21 12.36
C PHE A 431 1.89 -19.49 13.01
N ARG A 432 2.07 -19.57 14.33
CA ARG A 432 1.49 -20.61 15.16
C ARG A 432 0.84 -20.06 16.43
N LYS A 433 -0.17 -20.78 16.92
CA LYS A 433 -0.77 -20.48 18.21
C LYS A 433 0.25 -20.65 19.35
N ARG A 434 0.09 -19.79 20.36
CA ARG A 434 0.80 -19.97 21.63
C ARG A 434 0.20 -21.14 22.40
N GLY A 435 1.07 -21.91 23.05
CA GLY A 435 0.64 -23.08 23.79
C GLY A 435 0.92 -22.88 25.26
N TYR A 436 0.51 -23.86 26.05
CA TYR A 436 0.65 -23.79 27.49
C TYR A 436 2.10 -23.73 27.96
N GLN A 437 3.00 -24.33 27.19
CA GLN A 437 4.41 -24.42 27.56
C GLN A 437 5.31 -23.33 26.92
N ASP A 438 4.72 -22.45 26.11
CA ASP A 438 5.45 -21.33 25.51
C ASP A 438 5.73 -20.26 26.56
N PRO A 439 6.88 -19.56 26.45
CA PRO A 439 7.15 -18.44 27.37
C PRO A 439 6.13 -17.33 27.26
N VAL A 440 5.86 -16.66 28.38
CA VAL A 440 5.00 -15.47 28.39
C VAL A 440 5.59 -14.38 27.46
N ASN A 441 6.90 -14.17 27.57
CA ASN A 441 7.60 -13.07 26.91
C ASN A 441 8.48 -13.57 25.79
N CYS A 442 8.08 -13.32 24.54
CA CYS A 442 8.93 -13.64 23.39
C CYS A 442 9.54 -12.35 22.83
N THR A 443 10.68 -12.45 22.16
CA THR A 443 11.35 -11.25 21.62
C THR A 443 12.00 -11.50 20.27
N ILE A 444 11.99 -10.46 19.44
CA ILE A 444 12.80 -10.38 18.22
C ILE A 444 13.78 -9.23 18.42
N GLY A 445 15.06 -9.54 18.59
CA GLY A 445 16.05 -8.54 19.04
C GLY A 445 15.69 -7.99 20.42
N GLY A 446 15.62 -6.68 20.53
CA GLY A 446 15.22 -6.04 21.79
C GLY A 446 13.71 -6.15 21.97
N ASP A 447 12.99 -6.05 20.86
CA ASP A 447 11.54 -5.89 20.80
C ASP A 447 10.76 -7.08 21.36
N ALA A 448 9.89 -6.79 22.33
CA ALA A 448 8.99 -7.79 22.88
C ALA A 448 7.79 -7.98 21.95
N LEU A 449 7.28 -9.20 21.86
CA LEU A 449 6.06 -9.49 21.12
C LEU A 449 4.88 -9.27 22.03
N ASP A 450 3.80 -8.67 21.53
CA ASP A 450 2.59 -8.62 22.36
C ASP A 450 2.18 -10.04 22.74
N PRO A 451 1.88 -10.31 24.03
CA PRO A 451 1.52 -11.68 24.45
C PRO A 451 0.24 -12.17 23.79
N HIS A 452 -0.57 -11.25 23.25
CA HIS A 452 -1.79 -11.63 22.56
C HIS A 452 -1.64 -11.88 21.06
N VAL A 453 -0.45 -11.69 20.48
CA VAL A 453 -0.22 -12.03 19.06
C VAL A 453 0.41 -13.43 18.89
N GLU A 454 0.03 -14.12 17.82
CA GLU A 454 0.61 -15.42 17.44
C GLU A 454 2.14 -15.36 17.23
N ILE A 455 2.77 -16.51 17.34
CA ILE A 455 4.22 -16.64 17.17
C ILE A 455 4.62 -16.86 15.71
N PRO A 456 5.52 -16.00 15.16
CA PRO A 456 6.02 -16.24 13.80
C PRO A 456 6.94 -17.45 13.69
N THR A 457 6.73 -18.23 12.64
CA THR A 457 7.46 -19.48 12.42
C THR A 457 8.30 -19.44 11.15
N LEU A 458 7.82 -18.73 10.13
CA LEU A 458 8.40 -18.80 8.80
C LEU A 458 8.20 -17.48 8.09
N LEU A 459 9.23 -17.06 7.36
CA LEU A 459 9.20 -15.84 6.54
C LEU A 459 9.66 -16.18 5.12
N ILE A 460 8.86 -15.82 4.13
CA ILE A 460 9.28 -15.98 2.74
C ILE A 460 9.35 -14.58 2.09
N VAL A 461 10.47 -14.29 1.42
CA VAL A 461 10.65 -13.02 0.73
C VAL A 461 10.76 -13.34 -0.75
N THR A 462 9.83 -12.77 -1.52
CA THR A 462 9.71 -13.01 -2.94
C THR A 462 9.90 -11.69 -3.71
N PRO A 463 10.91 -11.63 -4.62
CA PRO A 463 11.11 -10.45 -5.49
C PRO A 463 9.97 -10.24 -6.49
N VAL A 464 9.74 -8.99 -6.89
CA VAL A 464 8.74 -8.65 -7.90
C VAL A 464 9.38 -7.63 -8.86
N TYR A 465 9.38 -7.93 -10.16
CA TYR A 465 9.91 -7.04 -11.20
C TYR A 465 8.78 -6.57 -12.12
N PHE A 466 8.89 -5.34 -12.66
CA PHE A 466 7.84 -4.71 -13.47
C PHE A 466 8.35 -4.17 -14.82
N PRO A 467 8.06 -4.89 -15.93
CA PRO A 467 8.44 -4.40 -17.26
C PRO A 467 7.79 -3.03 -17.52
N ARG A 468 8.48 -2.14 -18.21
CA ARG A 468 8.02 -0.76 -18.35
C ARG A 468 6.75 -0.61 -19.16
N GLY A 469 6.69 -1.33 -20.27
CA GLY A 469 5.56 -1.29 -21.17
C GLY A 469 4.33 -1.83 -20.45
N ALA A 470 4.53 -2.85 -19.62
CA ALA A 470 3.43 -3.45 -18.88
C ALA A 470 2.86 -2.45 -17.88
N LYS A 471 3.71 -1.78 -17.10
CA LYS A 471 3.25 -0.75 -16.17
C LYS A 471 2.51 0.38 -16.88
N HIS A 472 3.09 0.86 -17.99
CA HIS A 472 2.46 1.92 -18.76
C HIS A 472 1.02 1.57 -19.19
N ARG A 473 0.82 0.34 -19.69
CA ARG A 473 -0.51 -0.06 -20.20
C ARG A 473 -1.55 -0.15 -19.06
N LEU A 474 -1.15 -0.77 -17.96
CA LEU A 474 -2.05 -0.99 -16.81
C LEU A 474 -2.45 0.33 -16.16
N LEU A 475 -1.49 1.25 -15.99
CA LEU A 475 -1.79 2.58 -15.38
C LEU A 475 -2.73 3.36 -16.32
N HIS A 476 -2.52 3.27 -17.64
CA HIS A 476 -3.42 3.91 -18.59
C HIS A 476 -4.89 3.38 -18.48
N GLN A 477 -5.06 2.07 -18.41
CA GLN A 477 -6.41 1.46 -18.27
C GLN A 477 -7.07 1.91 -16.97
N ALA A 478 -6.31 1.91 -15.89
CA ALA A 478 -6.84 2.34 -14.60
C ALA A 478 -7.21 3.83 -14.60
N ALA A 479 -6.39 4.67 -15.27
CA ALA A 479 -6.69 6.11 -15.33
C ALA A 479 -7.94 6.38 -16.18
N ASN A 480 -8.10 5.64 -17.27
CA ASN A 480 -9.31 5.73 -18.09
C ASN A 480 -10.56 5.35 -17.28
N PHE A 481 -10.47 4.29 -16.47
CA PHE A 481 -11.58 3.86 -15.63
C PHE A 481 -11.87 4.94 -14.56
N TRP A 482 -10.82 5.52 -13.94
CA TRP A 482 -11.01 6.68 -13.03
C TRP A 482 -11.80 7.84 -13.71
N SER A 483 -11.42 8.18 -14.93
CA SER A 483 -12.03 9.29 -15.65
C SER A 483 -13.49 9.01 -15.99
N ARG A 484 -13.77 7.80 -16.46
CA ARG A 484 -15.17 7.40 -16.70
C ARG A 484 -16.04 7.45 -15.43
N SER A 485 -15.49 6.93 -14.33
CA SER A 485 -16.16 6.88 -13.05
C SER A 485 -16.38 8.30 -12.49
N ALA A 486 -15.39 9.20 -12.62
CA ALA A 486 -15.54 10.62 -12.25
C ALA A 486 -16.63 11.35 -13.08
N LYS A 487 -16.66 11.12 -14.38
CA LYS A 487 -17.69 11.71 -15.23
C LYS A 487 -19.08 11.17 -14.90
N ASP A 488 -19.20 9.89 -14.54
CA ASP A 488 -20.55 9.34 -14.25
C ASP A 488 -21.03 9.69 -12.85
N THR A 489 -20.08 9.84 -11.92
CA THR A 489 -20.38 10.12 -10.51
C THR A 489 -20.64 11.60 -10.27
N PHE A 490 -19.96 12.44 -11.03
CA PHE A 490 -20.08 13.88 -10.83
C PHE A 490 -20.29 14.44 -12.24
N PRO A 491 -21.45 14.13 -12.84
CA PRO A 491 -21.67 14.47 -14.26
C PRO A 491 -21.82 15.98 -14.51
N TYR A 492 -22.00 16.74 -13.44
CA TYR A 492 -22.18 18.20 -13.51
C TYR A 492 -20.84 18.94 -13.55
N ILE A 493 -19.73 18.20 -13.48
CA ILE A 493 -18.38 18.78 -13.53
C ILE A 493 -17.78 18.71 -14.93
N LYS A 494 -17.41 19.87 -15.48
CA LYS A 494 -16.81 19.90 -16.80
C LYS A 494 -15.33 19.54 -16.78
N TRP A 495 -15.03 18.29 -16.42
CA TRP A 495 -13.66 17.80 -16.26
C TRP A 495 -12.83 18.11 -17.50
N ASP A 496 -11.64 18.66 -17.29
CA ASP A 496 -10.65 18.86 -18.35
C ASP A 496 -9.52 17.90 -18.04
N PHE A 497 -9.49 16.77 -18.75
CA PHE A 497 -8.51 15.73 -18.48
C PHE A 497 -7.26 15.80 -19.40
N SER A 498 -7.14 16.91 -20.14
CA SER A 498 -5.91 17.22 -20.93
C SER A 498 -4.63 16.94 -20.15
N TYR A 499 -4.50 17.54 -18.97
CA TYR A 499 -3.28 17.40 -18.17
C TYR A 499 -3.09 15.97 -17.68
N LEU A 500 -4.19 15.33 -17.29
CA LEU A 500 -4.17 13.97 -16.72
C LEU A 500 -3.62 12.94 -17.70
N SER A 501 -4.09 13.00 -18.95
CA SER A 501 -3.61 12.12 -20.02
C SER A 501 -2.17 12.40 -20.45
N ALA A 502 -1.67 13.60 -20.15
CA ALA A 502 -0.24 13.91 -20.33
C ALA A 502 0.64 13.10 -19.38
N ASN A 503 0.15 12.88 -18.15
CA ASN A 503 0.89 12.12 -17.15
C ASN A 503 0.94 10.61 -17.44
S SO4 B . -2.88 0.82 0.05
O1 SO4 B . -4.21 0.70 -0.56
O2 SO4 B . -2.42 -0.50 0.44
O3 SO4 B . -2.03 1.39 -0.98
O4 SO4 B . -2.93 1.78 1.13
S SO4 C . -5.04 -16.58 4.39
O1 SO4 C . -6.21 -17.05 5.16
O2 SO4 C . -4.04 -17.64 4.26
O3 SO4 C . -5.51 -16.20 3.06
O4 SO4 C . -4.50 -15.40 5.07
S SO4 D . -10.56 -13.78 -17.69
O1 SO4 D . -10.97 -15.05 -17.11
O2 SO4 D . -9.56 -13.16 -16.82
O3 SO4 D . -9.97 -14.01 -19.02
O4 SO4 D . -11.72 -12.90 -17.84
MG MG E . 0.26 -5.54 3.76
#